data_4XD1
#
_entry.id   4XD1
#
_cell.length_a   78.279
_cell.length_b   78.279
_cell.length_c   151.105
_cell.angle_alpha   90.00
_cell.angle_beta   90.00
_cell.angle_gamma   90.00
#
_symmetry.space_group_name_H-M   'P 41 21 2'
#
loop_
_entity.id
_entity.type
_entity.pdbx_description
1 polymer TDP-3-aminoquinovose-N-formyltransferase
2 non-polymer 'N-{[4-({[(6R)-2-amino-5-formyl-4-oxo-1,4,5,6,7,8-hexahydropteridin-6-yl]methyl}amino)phenyl]carbonyl}-L-glutamic acid'
3 non-polymer '[(3R,4S,5S,6R)-4-amino-3,5-dihydroxy-6-methyloxan-2-yl][hydroxy-[[(2R,3S,5R)-3-hydroxy-5-(5-methyl-2,4-dioxopyrimidin-1-yl)oxolan-2-yl]methoxy]phosphoryl] hydrogen phosphate'
4 non-polymer 'SODIUM ION'
5 non-polymer 'POTASSIUM ION'
6 non-polymer 1,2-ETHANEDIOL
7 non-polymer 'CHLORIDE ION'
8 water water
#
_entity_poly.entity_id   1
_entity_poly.type   'polypeptide(L)'
_entity_poly.pdbx_seq_one_letter_code
;MGSSHHHHHHSSENLYFQGAMKLIIAGKNNIAVDVTKWIIKTISDIELYSVCNENDHGNDSFQLSFKKFCIQFNIPIISL
EDAYHLEDAIFLSLEFDKIIHPSKFTHNRIFNIHFSYLPAYKGMYTSAWPILNNEQESGVTLHKIDHGIDTGAIIDQQKF
PLDIEETAKTLYLKYIKIGTEIVIKNLPALISGNYSIVEQSAIKSSYYSKKSIDYKNLMIDLNKTAHEILQQIRAFTFRD
YQLPRIDDIDIFHGEILSSKSLSKPGTILEKNNYHLILSTIDYDIKLYSDNFDEILTACEDKSPEFISKLLKTENILFEK
NHLGASPIIIAAYHGNMDVIEWLVSKGVNINDRNYKGTTVAMYFKDYMLRSGNYTGLENLINLGLDLFLKDNEGLSVFDY
MRKNKNIELFNFMSTFN
;
_entity_poly.pdbx_strand_id   A
#
# COMPACT_ATOMS: atom_id res chain seq x y z
N MET A 21 -11.69 30.39 -0.17
CA MET A 21 -10.29 29.94 -0.40
C MET A 21 -10.27 28.62 -1.18
N LYS A 22 -9.29 28.52 -2.07
CA LYS A 22 -9.21 27.41 -2.99
C LYS A 22 -8.11 26.49 -2.47
N LEU A 23 -8.36 25.19 -2.67
CA LEU A 23 -7.40 24.15 -2.32
C LEU A 23 -7.24 23.21 -3.50
N ILE A 24 -6.00 23.12 -3.99
CA ILE A 24 -5.68 22.31 -5.15
C ILE A 24 -4.90 21.12 -4.62
N ILE A 25 -5.44 19.93 -4.91
CA ILE A 25 -4.81 18.66 -4.58
C ILE A 25 -4.27 18.04 -5.86
N ALA A 26 -2.95 17.89 -5.94
CA ALA A 26 -2.24 17.42 -7.13
C ALA A 26 -1.57 16.10 -6.75
N GLY A 27 -2.01 15.01 -7.36
CA GLY A 27 -1.39 13.74 -7.07
C GLY A 27 -2.25 12.54 -7.36
N LYS A 28 -1.98 11.48 -6.61
CA LYS A 28 -2.49 10.13 -6.92
C LYS A 28 -2.67 9.26 -5.67
N ASN A 29 -3.39 8.16 -5.89
CA ASN A 29 -3.51 7.06 -4.96
C ASN A 29 -4.34 7.39 -3.74
N ASN A 30 -4.34 6.52 -2.75
CA ASN A 30 -5.27 6.61 -1.67
C ASN A 30 -4.96 7.76 -0.76
N ILE A 31 -3.70 8.23 -0.80
CA ILE A 31 -3.37 9.45 -0.09
C ILE A 31 -4.16 10.62 -0.64
N ALA A 32 -4.16 10.74 -1.95
CA ALA A 32 -4.87 11.91 -2.52
C ALA A 32 -6.39 11.73 -2.32
N VAL A 33 -6.88 10.52 -2.53
CA VAL A 33 -8.31 10.26 -2.31
C VAL A 33 -8.74 10.48 -0.87
N ASP A 34 -8.01 9.94 0.11
CA ASP A 34 -8.42 10.04 1.52
C ASP A 34 -8.26 11.42 2.13
N VAL A 35 -7.24 12.14 1.65
CA VAL A 35 -7.10 13.49 2.09
C VAL A 35 -8.32 14.27 1.56
N THR A 36 -8.62 14.06 0.31
CA THR A 36 -9.71 14.82 -0.32
C THR A 36 -11.08 14.51 0.36
N LYS A 37 -11.29 13.24 0.71
CA LYS A 37 -12.46 12.84 1.48
C LYS A 37 -12.56 13.55 2.80
N TRP A 38 -11.45 13.74 3.51
CA TRP A 38 -11.49 14.34 4.82
C TRP A 38 -11.83 15.80 4.65
N ILE A 39 -11.31 16.39 3.57
CA ILE A 39 -11.58 17.80 3.32
C ILE A 39 -13.09 17.97 3.08
N ILE A 40 -13.64 17.16 2.19
CA ILE A 40 -15.07 17.22 1.86
C ILE A 40 -15.90 17.08 3.16
N LYS A 41 -15.55 16.12 4.00
CA LYS A 41 -16.22 15.92 5.28
C LYS A 41 -16.11 17.06 6.27
N THR A 42 -14.97 17.74 6.30
CA THR A 42 -14.60 18.49 7.49
C THR A 42 -14.59 19.98 7.20
N ILE A 43 -14.35 20.36 5.95
CA ILE A 43 -14.08 21.76 5.60
C ILE A 43 -14.92 22.11 4.38
N SER A 44 -16.18 22.46 4.59
CA SER A 44 -17.12 22.70 3.48
C SER A 44 -16.97 24.11 2.87
N ASP A 45 -16.37 25.04 3.61
CA ASP A 45 -16.04 26.38 3.11
C ASP A 45 -14.95 26.45 2.02
N ILE A 46 -14.54 25.31 1.46
CA ILE A 46 -13.36 25.26 0.60
C ILE A 46 -13.76 24.83 -0.81
N GLU A 47 -13.20 25.53 -1.79
CA GLU A 47 -13.34 25.24 -3.21
C GLU A 47 -12.17 24.35 -3.67
N LEU A 48 -12.48 23.10 -4.00
CA LEU A 48 -11.50 22.06 -4.31
C LEU A 48 -11.29 21.91 -5.79
N TYR A 49 -10.01 21.70 -6.13
CA TYR A 49 -9.54 21.45 -7.47
C TYR A 49 -8.54 20.30 -7.37
N SER A 50 -8.50 19.56 -8.48
CA SER A 50 -7.67 18.40 -8.65
C SER A 50 -6.71 18.59 -9.82
N VAL A 51 -5.45 18.20 -9.62
CA VAL A 51 -4.53 18.01 -10.72
C VAL A 51 -4.07 16.54 -10.67
N CYS A 52 -4.19 15.81 -11.78
CA CYS A 52 -3.91 14.37 -11.77
C CYS A 52 -2.57 14.08 -12.47
N ASN A 53 -2.02 12.88 -12.22
CA ASN A 53 -0.78 12.35 -12.78
C ASN A 53 -1.01 11.84 -14.20
N GLU A 54 0.04 11.91 -15.01
CA GLU A 54 -0.04 11.61 -16.43
C GLU A 54 -0.47 10.17 -16.58
N ASN A 55 0.00 9.27 -15.72
CA ASN A 55 -0.27 7.84 -15.84
C ASN A 55 -1.58 7.41 -15.19
N ASP A 56 -2.33 8.35 -14.60
CA ASP A 56 -3.61 8.01 -13.99
C ASP A 56 -4.61 8.13 -15.15
N HIS A 57 -4.97 6.97 -15.68
CA HIS A 57 -5.94 6.86 -16.79
C HIS A 57 -7.32 6.36 -16.35
N GLY A 58 -7.65 6.52 -15.08
CA GLY A 58 -8.94 6.22 -14.52
C GLY A 58 -9.19 4.82 -13.99
N ASN A 59 -8.14 4.00 -13.93
CA ASN A 59 -8.30 2.63 -13.46
C ASN A 59 -7.84 2.44 -12.06
N ASP A 60 -8.75 1.97 -11.21
CA ASP A 60 -8.42 1.55 -9.86
C ASP A 60 -7.50 0.35 -9.99
N SER A 61 -6.61 0.23 -9.01
CA SER A 61 -5.70 -0.91 -8.89
C SER A 61 -5.54 -1.14 -7.38
N PHE A 62 -4.32 -1.55 -6.94
CA PHE A 62 -4.06 -1.66 -5.52
C PHE A 62 -4.32 -0.32 -4.84
N GLN A 63 -4.17 0.77 -5.59
CA GLN A 63 -4.59 2.10 -5.11
C GLN A 63 -5.68 2.63 -6.10
N LEU A 64 -6.59 3.39 -5.52
CA LEU A 64 -7.69 4.06 -6.24
C LEU A 64 -7.12 5.07 -7.21
N SER A 65 -7.75 5.18 -8.39
CA SER A 65 -7.57 6.30 -9.28
C SER A 65 -8.14 7.60 -8.73
N PHE A 66 -7.24 8.58 -8.54
CA PHE A 66 -7.68 9.89 -8.05
C PHE A 66 -8.53 10.56 -9.14
N LYS A 67 -8.21 10.31 -10.40
CA LYS A 67 -8.98 10.87 -11.52
C LYS A 67 -10.46 10.42 -11.50
N LYS A 68 -10.60 9.12 -11.34
CA LYS A 68 -11.94 8.54 -11.31
C LYS A 68 -12.73 9.07 -10.13
N PHE A 69 -12.11 9.07 -8.95
CA PHE A 69 -12.71 9.62 -7.78
C PHE A 69 -13.17 11.07 -7.96
N CYS A 70 -12.30 11.95 -8.48
CA CYS A 70 -12.64 13.37 -8.69
C CYS A 70 -13.83 13.55 -9.64
N ILE A 71 -13.87 12.73 -10.67
CA ILE A 71 -14.93 12.85 -11.65
C ILE A 71 -16.21 12.44 -10.94
N GLN A 72 -16.16 11.39 -10.12
CA GLN A 72 -17.40 10.91 -9.49
C GLN A 72 -17.91 11.81 -8.39
N PHE A 73 -17.00 12.47 -7.70
CA PHE A 73 -17.32 13.42 -6.69
C PHE A 73 -17.39 14.88 -7.14
N ASN A 74 -17.37 15.15 -8.43
CA ASN A 74 -17.55 16.48 -8.98
C ASN A 74 -16.50 17.47 -8.46
N ILE A 75 -15.29 16.96 -8.31
CA ILE A 75 -14.11 17.81 -8.11
C ILE A 75 -13.51 18.19 -9.45
N PRO A 76 -13.53 19.47 -9.79
CA PRO A 76 -13.02 19.88 -11.09
C PRO A 76 -11.53 19.53 -11.25
N ILE A 77 -11.21 18.83 -12.33
CA ILE A 77 -9.84 18.53 -12.70
C ILE A 77 -9.28 19.62 -13.59
N ILE A 78 -8.13 20.17 -13.18
CA ILE A 78 -7.48 21.25 -13.94
C ILE A 78 -6.06 20.82 -14.30
N SER A 79 -5.43 21.49 -15.25
CA SER A 79 -4.03 21.26 -15.58
C SER A 79 -3.15 21.97 -14.54
N LEU A 80 -1.91 21.54 -14.44
CA LEU A 80 -0.88 22.22 -13.68
C LEU A 80 -0.74 23.67 -14.13
N GLU A 81 -0.79 23.84 -15.47
CA GLU A 81 -0.66 25.22 -16.03
C GLU A 81 -1.81 26.07 -15.49
N ASP A 82 -3.03 25.53 -15.42
CA ASP A 82 -4.16 26.25 -14.80
C ASP A 82 -3.99 26.60 -13.33
N ALA A 83 -3.42 25.64 -12.59
CA ALA A 83 -3.18 25.82 -11.17
C ALA A 83 -2.25 27.01 -10.89
N TYR A 84 -1.25 27.21 -11.74
CA TYR A 84 -0.35 28.37 -11.61
CA TYR A 84 -0.33 28.32 -11.51
C TYR A 84 -1.12 29.66 -11.57
N HIS A 85 -2.21 29.72 -12.34
CA HIS A 85 -2.99 30.98 -12.42
C HIS A 85 -4.04 31.17 -11.35
N LEU A 86 -4.31 30.14 -10.55
CA LEU A 86 -5.28 30.33 -9.49
C LEU A 86 -4.70 31.16 -8.35
N GLU A 87 -5.36 32.27 -8.08
CA GLU A 87 -5.00 33.11 -6.95
C GLU A 87 -5.89 32.70 -5.78
N ASP A 88 -5.46 33.12 -4.59
CA ASP A 88 -6.17 32.82 -3.34
C ASP A 88 -6.30 31.33 -3.05
N ALA A 89 -5.21 30.61 -3.36
CA ALA A 89 -5.19 29.16 -3.29
C ALA A 89 -4.02 28.65 -2.46
N ILE A 90 -4.20 27.41 -2.01
CA ILE A 90 -3.17 26.54 -1.45
C ILE A 90 -3.02 25.40 -2.45
N PHE A 91 -1.78 24.96 -2.63
CA PHE A 91 -1.48 23.84 -3.52
C PHE A 91 -0.78 22.76 -2.69
N LEU A 92 -1.28 21.53 -2.79
CA LEU A 92 -0.78 20.41 -2.00
C LEU A 92 -0.53 19.24 -2.95
N SER A 93 0.74 18.90 -3.09
CA SER A 93 1.17 17.72 -3.86
CA SER A 93 1.11 17.71 -3.86
C SER A 93 1.24 16.45 -3.00
N LEU A 94 0.61 15.39 -3.52
CA LEU A 94 0.56 14.07 -2.88
C LEU A 94 0.93 12.98 -3.90
N GLU A 95 2.21 12.65 -3.95
CA GLU A 95 2.69 11.72 -4.96
C GLU A 95 2.46 12.19 -6.40
N PHE A 96 2.52 13.49 -6.60
CA PHE A 96 2.48 14.11 -7.91
C PHE A 96 3.70 13.85 -8.75
N ASP A 97 3.51 13.89 -10.07
CA ASP A 97 4.51 13.38 -11.00
C ASP A 97 5.23 14.49 -11.75
N LYS A 98 4.80 15.73 -11.64
CA LYS A 98 5.46 16.80 -12.42
C LYS A 98 6.17 17.79 -11.52
N ILE A 99 7.35 18.27 -11.93
CA ILE A 99 8.09 19.27 -11.17
C ILE A 99 7.31 20.57 -11.08
N ILE A 100 7.23 21.06 -9.85
CA ILE A 100 6.55 22.30 -9.50
C ILE A 100 7.57 23.37 -9.14
N HIS A 101 7.49 24.52 -9.84
CA HIS A 101 8.43 25.61 -9.62
C HIS A 101 7.70 26.73 -8.88
N PRO A 102 8.11 26.99 -7.65
CA PRO A 102 7.50 28.06 -6.85
C PRO A 102 7.35 29.43 -7.53
N SER A 103 8.26 29.73 -8.44
CA SER A 103 8.28 31.01 -9.17
C SER A 103 7.01 31.27 -9.96
N LYS A 104 6.35 30.19 -10.34
CA LYS A 104 5.19 30.26 -11.25
C LYS A 104 3.89 30.55 -10.53
N PHE A 105 3.92 30.70 -9.21
CA PHE A 105 2.69 31.00 -8.48
C PHE A 105 2.75 32.43 -7.94
N THR A 106 1.57 32.97 -7.61
CA THR A 106 1.44 34.29 -6.97
C THR A 106 1.76 34.24 -5.49
N HIS A 107 1.78 33.03 -4.92
CA HIS A 107 1.84 32.87 -3.49
C HIS A 107 2.84 31.74 -3.18
N ASN A 108 3.10 31.54 -1.90
CA ASN A 108 4.09 30.59 -1.38
CA ASN A 108 4.06 30.49 -1.52
C ASN A 108 3.42 29.48 -0.57
N ARG A 109 2.12 29.25 -0.79
CA ARG A 109 1.32 28.28 -0.04
C ARG A 109 1.34 26.97 -0.84
N ILE A 110 2.54 26.42 -0.93
CA ILE A 110 2.84 25.27 -1.80
C ILE A 110 3.55 24.20 -0.98
N PHE A 111 2.87 23.07 -0.84
CA PHE A 111 3.18 22.07 0.16
C PHE A 111 3.23 20.69 -0.56
N ASN A 112 4.02 19.83 0.08
CA ASN A 112 4.24 18.47 -0.43
C ASN A 112 4.33 17.46 0.70
N ILE A 113 3.85 16.25 0.44
CA ILE A 113 4.22 15.10 1.29
C ILE A 113 5.24 14.25 0.52
N HIS A 114 6.34 13.98 1.20
CA HIS A 114 7.38 13.11 0.69
C HIS A 114 7.49 11.90 1.60
N PHE A 115 7.58 10.74 0.96
CA PHE A 115 7.68 9.45 1.66
C PHE A 115 9.06 9.08 2.19
N SER A 116 9.65 9.94 3.00
CA SER A 116 10.87 9.62 3.77
C SER A 116 10.95 10.57 4.93
N TYR A 117 11.85 10.26 5.87
CA TYR A 117 12.17 11.18 6.96
C TYR A 117 13.31 12.07 6.45
N LEU A 118 12.89 13.20 5.88
CA LEU A 118 13.86 14.09 5.29
C LEU A 118 14.74 14.71 6.41
N PRO A 119 16.00 15.01 6.11
CA PRO A 119 16.62 15.10 4.78
C PRO A 119 17.08 13.81 4.06
N ALA A 120 17.02 12.64 4.69
CA ALA A 120 17.36 11.37 4.05
C ALA A 120 16.31 11.01 2.98
N TYR A 121 16.78 10.29 1.97
CA TYR A 121 15.93 9.66 0.96
C TYR A 121 15.02 10.66 0.20
N LYS A 122 15.66 11.73 -0.21
CA LYS A 122 15.10 12.57 -1.28
C LYS A 122 14.97 11.71 -2.55
N GLY A 123 14.01 12.05 -3.42
CA GLY A 123 14.00 11.44 -4.75
C GLY A 123 13.14 10.18 -4.81
N MET A 124 13.72 9.13 -5.35
CA MET A 124 12.93 8.02 -5.89
C MET A 124 13.03 6.76 -5.01
N TYR A 125 12.00 5.94 -5.16
CA TYR A 125 12.08 4.54 -4.73
C TYR A 125 12.29 4.45 -3.22
N THR A 126 11.56 5.29 -2.48
CA THR A 126 11.81 5.42 -1.07
C THR A 126 11.21 4.24 -0.31
N SER A 127 10.42 3.38 -0.96
CA SER A 127 9.97 2.11 -0.38
C SER A 127 10.99 1.01 -0.52
N ALA A 128 12.06 1.19 -1.31
CA ALA A 128 13.08 0.17 -1.54
C ALA A 128 14.39 0.59 -0.84
N TRP A 129 14.86 1.79 -1.08
CA TRP A 129 16.18 2.21 -0.60
C TRP A 129 16.39 2.04 0.90
N PRO A 130 15.43 2.47 1.73
CA PRO A 130 15.70 2.22 3.17
C PRO A 130 15.91 0.76 3.55
N ILE A 131 15.24 -0.12 2.84
CA ILE A 131 15.34 -1.56 3.04
C ILE A 131 16.70 -2.06 2.50
N LEU A 132 17.03 -1.64 1.27
CA LEU A 132 18.33 -2.00 0.73
C LEU A 132 19.46 -1.58 1.64
N ASN A 133 19.35 -0.46 2.33
CA ASN A 133 20.39 0.11 3.18
C ASN A 133 20.25 -0.33 4.64
N ASN A 134 19.32 -1.22 4.91
CA ASN A 134 19.13 -1.83 6.24
C ASN A 134 18.89 -0.75 7.29
N GLU A 135 18.11 0.26 6.92
CA GLU A 135 17.65 1.21 7.93
C GLU A 135 16.82 0.58 9.02
N GLN A 136 16.94 1.16 10.21
CA GLN A 136 16.05 0.74 11.30
C GLN A 136 14.63 1.35 11.22
N GLU A 137 14.58 2.52 10.59
CA GLU A 137 13.33 3.29 10.60
C GLU A 137 13.17 3.98 9.26
N SER A 138 11.94 4.44 8.99
CA SER A 138 11.73 5.45 7.94
C SER A 138 10.69 6.43 8.46
N GLY A 139 10.04 7.20 7.59
CA GLY A 139 9.02 8.16 8.01
C GLY A 139 8.44 8.90 6.83
N VAL A 140 7.62 9.91 7.11
CA VAL A 140 6.95 10.72 6.12
C VAL A 140 7.15 12.17 6.55
N THR A 141 7.27 13.06 5.58
CA THR A 141 7.58 14.45 5.80
C THR A 141 6.65 15.38 5.02
N LEU A 142 6.07 16.36 5.70
CA LEU A 142 5.31 17.45 5.04
C LEU A 142 6.21 18.68 5.00
N HIS A 143 6.42 19.24 3.83
CA HIS A 143 7.37 20.32 3.65
C HIS A 143 6.90 21.30 2.57
N LYS A 144 7.51 22.48 2.55
CA LYS A 144 7.31 23.43 1.46
C LYS A 144 7.90 22.86 0.17
N ILE A 145 7.27 23.13 -0.95
CA ILE A 145 7.92 22.89 -2.23
C ILE A 145 8.89 24.01 -2.56
N ASP A 146 10.14 23.63 -2.86
CA ASP A 146 11.01 24.64 -3.40
CA ASP A 146 11.16 24.54 -3.32
C ASP A 146 11.43 24.16 -4.77
N HIS A 147 12.31 24.89 -5.43
CA HIS A 147 12.58 24.54 -6.80
C HIS A 147 13.20 23.17 -7.08
N GLY A 148 13.97 22.71 -6.11
CA GLY A 148 14.65 21.42 -6.24
C GLY A 148 13.88 20.20 -5.81
N ILE A 149 14.56 19.07 -5.66
CA ILE A 149 13.94 17.77 -5.40
C ILE A 149 13.88 17.55 -3.90
N ASP A 150 12.68 17.64 -3.34
CA ASP A 150 12.40 17.36 -1.94
C ASP A 150 13.30 18.14 -1.01
N THR A 151 13.58 19.41 -1.34
CA THR A 151 14.57 20.21 -0.66
C THR A 151 14.03 21.25 0.33
N GLY A 152 12.73 21.52 0.23
CA GLY A 152 12.10 22.64 0.92
C GLY A 152 11.93 22.43 2.40
N ALA A 153 11.67 23.52 3.12
CA ALA A 153 11.67 23.45 4.56
C ALA A 153 10.61 22.54 5.15
N ILE A 154 10.96 21.92 6.27
CA ILE A 154 10.05 20.99 6.96
C ILE A 154 9.01 21.64 7.86
N ILE A 155 7.76 21.25 7.64
CA ILE A 155 6.59 21.68 8.44
C ILE A 155 6.31 20.65 9.53
N ASP A 156 6.29 19.37 9.18
CA ASP A 156 6.11 18.28 10.16
C ASP A 156 6.67 16.99 9.58
N GLN A 157 6.93 16.02 10.45
CA GLN A 157 7.35 14.67 10.03
C GLN A 157 7.15 13.68 11.15
N GLN A 158 6.99 12.40 10.77
CA GLN A 158 6.70 11.33 11.68
C GLN A 158 7.57 10.18 11.27
N LYS A 159 8.09 9.43 12.24
CA LYS A 159 8.95 8.31 11.92
C LYS A 159 8.32 7.00 12.46
N PHE A 160 8.80 5.89 11.96
CA PHE A 160 8.33 4.59 12.40
C PHE A 160 9.40 3.55 12.14
N PRO A 161 9.39 2.45 12.92
CA PRO A 161 10.36 1.41 12.64
C PRO A 161 10.03 0.57 11.39
N LEU A 162 11.09 0.04 10.81
CA LEU A 162 10.92 -0.98 9.78
C LEU A 162 10.92 -2.34 10.45
N ASP A 163 9.98 -3.17 10.02
CA ASP A 163 9.85 -4.51 10.51
C ASP A 163 10.96 -5.35 9.91
N ILE A 164 11.24 -6.44 10.59
CA ILE A 164 12.28 -7.35 10.18
C ILE A 164 12.05 -7.94 8.80
N GLU A 165 10.80 -8.22 8.43
CA GLU A 165 10.49 -8.71 7.10
C GLU A 165 9.74 -7.68 6.26
N GLU A 166 10.00 -6.41 6.54
CA GLU A 166 9.37 -5.35 5.76
C GLU A 166 9.70 -5.59 4.28
N THR A 167 8.72 -5.30 3.41
CA THR A 167 9.00 -5.31 1.97
C THR A 167 8.68 -3.92 1.42
N ALA A 168 8.98 -3.70 0.15
CA ALA A 168 8.67 -2.43 -0.47
C ALA A 168 7.14 -2.24 -0.43
N LYS A 169 6.34 -3.28 -0.61
CA LYS A 169 4.90 -3.09 -0.55
C LYS A 169 4.43 -2.71 0.85
N THR A 170 4.87 -3.45 1.86
CA THR A 170 4.38 -3.14 3.21
C THR A 170 4.79 -1.74 3.62
N LEU A 171 6.02 -1.36 3.27
CA LEU A 171 6.51 -0.04 3.51
C LEU A 171 5.70 1.06 2.81
N TYR A 172 5.43 0.88 1.52
CA TYR A 172 4.67 1.84 0.78
C TYR A 172 3.31 2.03 1.42
N LEU A 173 2.63 0.99 1.84
CA LEU A 173 1.36 1.11 2.53
C LEU A 173 1.44 1.88 3.86
N LYS A 174 2.54 1.73 4.59
CA LYS A 174 2.74 2.53 5.80
C LYS A 174 2.87 3.98 5.39
N TYR A 175 3.60 4.28 4.32
CA TYR A 175 3.76 5.66 3.88
C TYR A 175 2.41 6.26 3.52
N ILE A 176 1.58 5.53 2.80
CA ILE A 176 0.25 6.03 2.42
C ILE A 176 -0.57 6.40 3.65
N LYS A 177 -0.48 5.54 4.63
CA LYS A 177 -1.28 5.66 5.85
C LYS A 177 -0.80 6.83 6.69
N ILE A 178 0.47 6.82 7.05
CA ILE A 178 1.10 7.93 7.78
C ILE A 178 1.03 9.27 7.09
N GLY A 179 1.28 9.27 5.78
CA GLY A 179 1.18 10.50 5.04
C GLY A 179 -0.21 11.09 5.09
N THR A 180 -1.21 10.25 4.89
CA THR A 180 -2.60 10.71 4.97
C THR A 180 -2.85 11.32 6.36
N GLU A 181 -2.35 10.65 7.39
CA GLU A 181 -2.60 11.17 8.76
C GLU A 181 -1.87 12.48 9.03
N ILE A 182 -0.65 12.60 8.54
CA ILE A 182 0.08 13.85 8.77
CA ILE A 182 0.11 13.86 8.69
C ILE A 182 -0.57 15.02 8.00
N VAL A 183 -1.10 14.77 6.82
CA VAL A 183 -1.77 15.85 6.08
C VAL A 183 -3.00 16.32 6.85
N ILE A 184 -3.82 15.36 7.27
CA ILE A 184 -5.05 15.75 7.96
C ILE A 184 -4.75 16.51 9.25
N LYS A 185 -3.69 16.09 9.95
CA LYS A 185 -3.32 16.70 11.22
C LYS A 185 -2.95 18.16 10.95
N ASN A 186 -2.21 18.41 9.86
CA ASN A 186 -1.64 19.72 9.59
C ASN A 186 -2.47 20.64 8.72
N LEU A 187 -3.50 20.11 8.08
CA LEU A 187 -4.22 20.93 7.08
C LEU A 187 -4.84 22.22 7.63
N PRO A 188 -5.44 22.18 8.83
CA PRO A 188 -5.96 23.46 9.37
C PRO A 188 -4.89 24.57 9.52
N ALA A 189 -3.69 24.17 9.93
CA ALA A 189 -2.58 25.08 10.00
C ALA A 189 -2.10 25.57 8.65
N LEU A 190 -2.09 24.69 7.63
CA LEU A 190 -1.71 25.09 6.30
C LEU A 190 -2.71 26.14 5.78
N ILE A 191 -3.98 25.87 6.03
CA ILE A 191 -5.07 26.80 5.67
C ILE A 191 -4.97 28.15 6.41
N SER A 192 -4.80 28.12 7.72
CA SER A 192 -4.67 29.35 8.51
C SER A 192 -3.35 30.07 8.25
N GLY A 193 -2.29 29.37 7.82
CA GLY A 193 -0.97 29.97 7.67
C GLY A 193 -0.18 29.91 8.96
N ASN A 194 -0.79 29.37 9.99
CA ASN A 194 -0.18 29.24 11.31
C ASN A 194 0.58 27.91 11.54
N TYR A 195 1.67 27.76 10.80
CA TYR A 195 2.56 26.61 10.94
C TYR A 195 3.98 27.13 11.05
N SER A 196 4.90 26.28 11.50
CA SER A 196 6.32 26.56 11.57
C SER A 196 7.10 25.74 10.51
N ILE A 197 8.25 26.29 10.17
CA ILE A 197 9.12 25.64 9.22
C ILE A 197 10.54 25.57 9.81
N VAL A 198 11.29 24.56 9.40
CA VAL A 198 12.70 24.44 9.67
C VAL A 198 13.46 24.02 8.42
N GLU A 199 14.53 24.73 8.07
CA GLU A 199 15.27 24.35 6.88
C GLU A 199 15.91 22.97 7.09
N GLN A 200 15.95 22.21 6.01
CA GLN A 200 16.54 20.89 6.06
C GLN A 200 18.05 21.07 6.25
N SER A 201 18.57 20.18 7.09
CA SER A 201 20.01 20.10 7.29
C SER A 201 20.65 19.50 6.03
N ALA A 202 21.92 19.89 5.82
CA ALA A 202 22.74 19.23 4.84
C ALA A 202 23.20 17.88 5.34
N ILE A 203 23.27 17.70 6.65
CA ILE A 203 23.90 16.52 7.20
C ILE A 203 22.91 15.36 7.21
N LYS A 204 23.40 14.26 6.68
CA LYS A 204 22.61 13.04 6.48
C LYS A 204 21.47 13.23 5.45
N SER A 205 21.71 14.18 4.55
CA SER A 205 20.84 14.36 3.39
C SER A 205 21.30 13.36 2.34
N SER A 206 20.31 12.73 1.71
CA SER A 206 20.58 11.70 0.72
C SER A 206 19.52 11.74 -0.34
N TYR A 207 19.91 11.23 -1.51
CA TYR A 207 19.07 11.29 -2.73
C TYR A 207 19.34 10.06 -3.60
N TYR A 208 18.27 9.49 -4.16
CA TYR A 208 18.39 8.49 -5.22
C TYR A 208 17.55 8.87 -6.43
N SER A 209 18.13 8.68 -7.62
CA SER A 209 17.48 9.03 -8.90
C SER A 209 16.73 7.84 -9.48
N LYS A 210 16.01 8.08 -10.56
CA LYS A 210 15.33 7.01 -11.26
C LYS A 210 16.33 6.01 -11.84
N LYS A 211 17.54 6.41 -12.16
CA LYS A 211 18.58 5.48 -12.62
C LYS A 211 19.11 4.53 -11.53
N SER A 212 18.81 4.81 -10.26
CA SER A 212 19.40 4.04 -9.21
C SER A 212 18.92 2.61 -9.09
N ILE A 213 17.72 2.33 -9.59
CA ILE A 213 17.23 0.94 -9.67
C ILE A 213 16.57 0.77 -11.02
N ASP A 214 16.92 -0.30 -11.74
CA ASP A 214 16.26 -0.61 -13.01
C ASP A 214 15.21 -1.69 -12.80
N TYR A 215 13.98 -1.26 -12.58
CA TYR A 215 12.90 -2.20 -12.29
C TYR A 215 12.56 -3.08 -13.49
N LYS A 216 13.01 -2.67 -14.67
CA LYS A 216 12.76 -3.46 -15.85
C LYS A 216 13.88 -4.43 -16.18
N ASN A 217 14.99 -4.39 -15.44
CA ASN A 217 16.03 -5.43 -15.49
C ASN A 217 16.69 -5.53 -14.11
N LEU A 218 15.90 -6.01 -13.17
CA LEU A 218 16.28 -5.99 -11.78
C LEU A 218 17.20 -7.18 -11.59
N MET A 219 18.39 -6.94 -11.10
CA MET A 219 19.24 -8.09 -10.77
C MET A 219 19.65 -8.04 -9.30
N ILE A 220 19.55 -9.19 -8.69
CA ILE A 220 19.94 -9.35 -7.31
C ILE A 220 21.41 -9.71 -7.35
N ASP A 221 22.20 -8.99 -6.58
CA ASP A 221 23.62 -9.29 -6.47
C ASP A 221 23.82 -10.43 -5.49
N LEU A 222 24.20 -11.59 -6.02
CA LEU A 222 24.36 -12.79 -5.22
C LEU A 222 25.77 -12.93 -4.64
N ASN A 223 26.69 -12.07 -5.08
CA ASN A 223 28.04 -12.16 -4.54
C ASN A 223 28.06 -11.25 -3.32
N LYS A 224 27.25 -11.61 -2.32
CA LYS A 224 26.96 -10.79 -1.16
C LYS A 224 26.66 -11.71 -0.04
N THR A 225 26.50 -11.17 1.15
CA THR A 225 26.12 -11.97 2.32
C THR A 225 24.68 -12.38 2.30
N ALA A 226 24.29 -13.38 3.09
CA ALA A 226 22.92 -13.84 3.23
C ALA A 226 21.96 -12.67 3.54
N HIS A 227 22.38 -11.89 4.54
CA HIS A 227 21.59 -10.73 4.95
C HIS A 227 21.44 -9.69 3.84
N GLU A 228 22.52 -9.34 3.15
CA GLU A 228 22.45 -8.44 2.02
C GLU A 228 21.52 -8.95 0.94
N ILE A 229 21.54 -10.25 0.67
CA ILE A 229 20.69 -10.75 -0.40
C ILE A 229 19.23 -10.73 0.03
N LEU A 230 18.93 -11.13 1.24
CA LEU A 230 17.56 -11.09 1.69
C LEU A 230 17.00 -9.67 1.81
N GLN A 231 17.81 -8.68 2.19
CA GLN A 231 17.49 -7.23 2.10
CA GLN A 231 17.34 -7.29 2.13
C GLN A 231 17.04 -6.85 0.69
N GLN A 232 17.81 -7.27 -0.31
CA GLN A 232 17.46 -7.02 -1.70
C GLN A 232 16.18 -7.70 -2.14
N ILE A 233 16.03 -8.98 -1.75
CA ILE A 233 14.84 -9.76 -2.01
C ILE A 233 13.62 -9.00 -1.50
N ARG A 234 13.67 -8.56 -0.25
CA ARG A 234 12.53 -7.90 0.39
C ARG A 234 12.31 -6.51 -0.18
N ALA A 235 13.38 -5.75 -0.42
CA ALA A 235 13.20 -4.43 -1.07
C ALA A 235 12.54 -4.52 -2.45
N PHE A 236 12.69 -5.63 -3.17
CA PHE A 236 12.12 -5.78 -4.50
C PHE A 236 10.82 -6.61 -4.46
N THR A 237 10.24 -6.88 -3.31
CA THR A 237 9.00 -7.62 -3.15
C THR A 237 7.87 -6.57 -3.09
N PHE A 238 7.12 -6.51 -4.19
CA PHE A 238 5.95 -5.61 -4.28
C PHE A 238 5.05 -6.23 -5.35
N ARG A 239 4.21 -7.15 -4.93
CA ARG A 239 3.49 -8.08 -5.83
C ARG A 239 2.84 -7.41 -7.04
N ASP A 240 2.20 -6.26 -6.79
CA ASP A 240 1.51 -5.56 -7.90
C ASP A 240 2.47 -5.14 -9.00
N TYR A 241 3.72 -4.88 -8.66
CA TYR A 241 4.73 -4.52 -9.62
C TYR A 241 5.52 -5.78 -10.03
N GLN A 242 6.25 -6.35 -9.09
CA GLN A 242 7.05 -7.53 -9.37
C GLN A 242 7.35 -8.30 -8.11
N LEU A 243 7.70 -9.57 -8.29
CA LEU A 243 8.50 -10.31 -7.35
C LEU A 243 9.91 -10.50 -7.85
N PRO A 244 10.90 -10.61 -6.95
CA PRO A 244 12.26 -10.90 -7.44
C PRO A 244 12.28 -12.31 -8.02
N ARG A 245 13.07 -12.50 -9.09
CA ARG A 245 13.10 -13.76 -9.81
C ARG A 245 14.57 -14.18 -9.92
N ILE A 246 14.82 -15.38 -9.45
CA ILE A 246 16.17 -15.93 -9.42
C ILE A 246 16.14 -17.30 -10.10
N ASP A 247 17.01 -17.48 -11.10
CA ASP A 247 17.06 -18.76 -11.83
C ASP A 247 15.67 -19.18 -12.34
N ASP A 248 14.91 -18.19 -12.82
CA ASP A 248 13.58 -18.37 -13.42
C ASP A 248 12.49 -18.75 -12.43
N ILE A 249 12.69 -18.42 -11.15
CA ILE A 249 11.72 -18.73 -10.10
CA ILE A 249 11.73 -18.74 -10.10
C ILE A 249 11.34 -17.42 -9.42
N ASP A 250 10.05 -17.14 -9.35
CA ASP A 250 9.60 -15.92 -8.61
C ASP A 250 9.67 -16.25 -7.14
N ILE A 251 10.31 -15.37 -6.37
CA ILE A 251 10.56 -15.62 -4.96
C ILE A 251 9.62 -14.76 -4.06
N PHE A 252 9.10 -15.41 -3.04
CA PHE A 252 8.33 -14.72 -1.98
C PHE A 252 8.84 -15.09 -0.59
N HIS A 253 9.79 -14.25 -0.14
CA HIS A 253 10.49 -14.35 1.11
C HIS A 253 11.48 -15.53 1.18
N GLY A 254 12.28 -15.56 2.24
CA GLY A 254 13.28 -16.62 2.38
C GLY A 254 13.76 -16.56 3.82
N GLU A 255 14.84 -17.29 4.03
CA GLU A 255 15.42 -17.39 5.37
C GLU A 255 16.91 -17.73 5.24
N ILE A 256 17.63 -17.40 6.31
CA ILE A 256 19.08 -17.63 6.39
C ILE A 256 19.28 -18.95 7.13
N LEU A 257 20.03 -19.82 6.51
CA LEU A 257 20.31 -21.16 7.05
C LEU A 257 21.54 -21.12 7.94
N SER A 258 21.81 -22.22 8.65
CA SER A 258 23.01 -22.32 9.49
C SER A 258 24.22 -22.91 8.77
N SER A 259 24.01 -23.54 7.62
CA SER A 259 25.06 -24.12 6.76
C SER A 259 25.81 -23.05 5.99
N LYS A 260 27.04 -23.37 5.62
CA LYS A 260 27.93 -22.43 4.95
C LYS A 260 28.73 -23.07 3.85
N SER A 261 28.12 -23.14 2.68
CA SER A 261 28.75 -23.82 1.55
C SER A 261 30.05 -23.15 1.14
N LEU A 262 31.03 -23.95 0.76
CA LEU A 262 32.26 -23.47 0.21
C LEU A 262 32.19 -22.99 -1.23
N SER A 263 31.11 -23.37 -1.96
CA SER A 263 30.94 -23.07 -3.35
C SER A 263 30.81 -21.56 -3.52
N LYS A 264 31.11 -21.13 -4.74
CA LYS A 264 31.13 -19.73 -5.07
C LYS A 264 29.72 -19.16 -4.71
N PRO A 265 29.73 -17.95 -4.13
CA PRO A 265 28.43 -17.32 -3.90
C PRO A 265 27.55 -17.30 -5.12
N GLY A 266 26.28 -17.62 -4.94
CA GLY A 266 25.32 -17.66 -6.00
C GLY A 266 25.17 -19.08 -6.53
N THR A 267 26.00 -19.98 -6.05
CA THR A 267 25.84 -21.35 -6.53
C THR A 267 24.51 -21.90 -6.06
N ILE A 268 23.76 -22.53 -6.94
CA ILE A 268 22.48 -23.17 -6.59
C ILE A 268 22.77 -24.55 -6.00
N LEU A 269 22.52 -24.69 -4.73
CA LEU A 269 22.79 -25.92 -3.98
C LEU A 269 21.65 -26.87 -4.12
N GLU A 270 20.46 -26.29 -4.23
CA GLU A 270 19.24 -27.10 -4.36
C GLU A 270 18.19 -26.27 -5.06
N LYS A 271 17.44 -26.92 -5.95
CA LYS A 271 16.35 -26.26 -6.62
C LYS A 271 15.23 -27.26 -6.80
N ASN A 272 14.06 -26.93 -6.28
CA ASN A 272 12.87 -27.75 -6.50
C ASN A 272 11.65 -26.86 -6.60
N ASN A 273 10.46 -27.44 -6.61
CA ASN A 273 9.27 -26.62 -6.83
C ASN A 273 9.01 -25.65 -5.67
N TYR A 274 9.51 -26.02 -4.49
CA TYR A 274 9.30 -25.24 -3.27
C TYR A 274 10.27 -24.10 -3.02
N HIS A 275 11.52 -24.26 -3.41
CA HIS A 275 12.55 -23.28 -3.01
C HIS A 275 13.86 -23.46 -3.80
N LEU A 276 14.74 -22.47 -3.65
CA LEU A 276 16.12 -22.53 -4.05
C LEU A 276 16.95 -22.39 -2.79
N ILE A 277 18.05 -23.11 -2.71
CA ILE A 277 19.06 -22.87 -1.69
C ILE A 277 20.34 -22.46 -2.42
N LEU A 278 20.90 -21.33 -1.98
CA LEU A 278 22.08 -20.71 -2.58
CA LEU A 278 22.10 -20.76 -2.59
C LEU A 278 23.23 -20.58 -1.57
N SER A 279 24.43 -20.73 -2.05
CA SER A 279 25.62 -20.36 -1.31
C SER A 279 25.70 -18.84 -1.33
N THR A 280 26.17 -18.22 -0.25
CA THR A 280 26.47 -16.77 -0.24
C THR A 280 27.89 -16.54 0.26
N ILE A 281 28.25 -15.28 0.51
CA ILE A 281 29.52 -14.97 1.12
C ILE A 281 29.62 -15.64 2.49
N ASP A 282 28.52 -15.73 3.22
CA ASP A 282 28.56 -16.31 4.55
C ASP A 282 27.66 -17.56 4.68
N TYR A 283 26.42 -17.36 5.08
CA TYR A 283 25.48 -18.45 5.39
C TYR A 283 24.63 -18.74 4.17
N ASP A 284 24.36 -20.02 3.92
CA ASP A 284 23.42 -20.38 2.87
C ASP A 284 22.05 -19.75 3.09
N ILE A 285 21.38 -19.46 1.98
CA ILE A 285 20.03 -18.91 2.02
C ILE A 285 19.04 -19.83 1.35
N LYS A 286 17.83 -19.84 1.87
CA LYS A 286 16.71 -20.54 1.28
C LYS A 286 15.66 -19.56 0.82
N LEU A 287 15.37 -19.58 -0.48
CA LEU A 287 14.47 -18.58 -1.05
C LEU A 287 13.23 -19.36 -1.48
N TYR A 288 12.08 -18.95 -0.96
CA TYR A 288 10.84 -19.64 -1.16
C TYR A 288 10.23 -19.26 -2.49
N SER A 289 9.92 -20.26 -3.29
CA SER A 289 9.17 -19.91 -4.48
C SER A 289 7.78 -19.34 -4.09
N ASP A 290 7.26 -18.47 -4.96
CA ASP A 290 5.94 -17.91 -4.73
C ASP A 290 4.89 -19.00 -4.99
N ASN A 291 4.04 -19.31 -4.03
CA ASN A 291 2.90 -20.20 -4.24
C ASN A 291 1.57 -19.55 -3.90
N PHE A 292 1.50 -18.23 -4.07
CA PHE A 292 0.27 -17.55 -3.73
C PHE A 292 -0.96 -18.11 -4.46
N ASP A 293 -0.80 -18.44 -5.74
CA ASP A 293 -1.96 -18.92 -6.51
C ASP A 293 -2.49 -20.20 -5.85
N GLU A 294 -1.56 -21.07 -5.46
CA GLU A 294 -1.89 -22.34 -4.75
C GLU A 294 -2.56 -22.13 -3.39
N ILE A 295 -2.11 -21.10 -2.68
CA ILE A 295 -2.74 -20.72 -1.40
C ILE A 295 -4.19 -20.27 -1.62
N LEU A 296 -4.40 -19.41 -2.62
CA LEU A 296 -5.76 -18.95 -2.90
C LEU A 296 -6.68 -20.14 -3.23
N THR A 297 -6.23 -21.06 -4.08
CA THR A 297 -7.05 -22.20 -4.44
C THR A 297 -7.35 -23.07 -3.21
N ALA A 298 -6.35 -23.26 -2.36
CA ALA A 298 -6.49 -24.06 -1.15
C ALA A 298 -7.53 -23.48 -0.21
N CYS A 299 -7.67 -22.15 -0.19
CA CYS A 299 -8.60 -21.51 0.73
C CYS A 299 -10.06 -21.79 0.33
N GLU A 300 -10.30 -22.23 -0.91
CA GLU A 300 -11.66 -22.61 -1.28
C GLU A 300 -12.26 -23.69 -0.36
N ASP A 301 -11.48 -24.75 -0.09
CA ASP A 301 -12.10 -25.91 0.54
C ASP A 301 -11.14 -26.74 1.41
N LYS A 302 -9.90 -26.29 1.61
CA LYS A 302 -8.94 -27.09 2.40
C LYS A 302 -8.89 -26.60 3.81
N SER A 303 -8.35 -27.44 4.70
CA SER A 303 -8.28 -27.17 6.11
C SER A 303 -7.17 -26.21 6.44
N PRO A 304 -7.22 -25.58 7.63
CA PRO A 304 -6.10 -24.80 8.14
C PRO A 304 -4.85 -25.66 8.26
N GLU A 305 -5.01 -26.93 8.66
CA GLU A 305 -3.83 -27.79 8.71
C GLU A 305 -3.13 -27.84 7.35
N PHE A 306 -3.89 -28.12 6.31
CA PHE A 306 -3.41 -28.24 4.95
C PHE A 306 -2.69 -26.97 4.54
N ILE A 307 -3.37 -25.85 4.81
CA ILE A 307 -2.79 -24.60 4.37
C ILE A 307 -1.49 -24.22 5.11
N SER A 308 -1.45 -24.58 6.40
CA SER A 308 -0.29 -24.30 7.22
C SER A 308 0.97 -25.01 6.73
N LYS A 309 0.78 -26.17 6.08
CA LYS A 309 1.91 -26.92 5.53
C LYS A 309 2.26 -26.50 4.11
N LEU A 310 1.34 -25.85 3.40
CA LEU A 310 1.55 -25.41 2.01
C LEU A 310 2.38 -24.11 2.00
N LEU A 311 2.06 -23.23 2.94
CA LEU A 311 2.74 -21.96 2.98
C LEU A 311 4.15 -22.21 3.47
N LYS A 312 5.09 -21.41 2.99
CA LYS A 312 6.46 -21.37 3.51
C LYS A 312 6.80 -20.14 4.36
N THR A 313 5.94 -19.12 4.25
CA THR A 313 6.03 -17.94 5.10
C THR A 313 4.59 -17.50 5.41
N GLU A 314 4.32 -17.08 6.65
CA GLU A 314 2.99 -16.59 7.00
C GLU A 314 2.69 -15.26 6.32
N ASN A 315 3.71 -14.58 5.79
CA ASN A 315 3.44 -13.39 5.00
C ASN A 315 2.46 -13.63 3.86
N ILE A 316 2.44 -14.84 3.32
CA ILE A 316 1.64 -15.17 2.16
C ILE A 316 0.14 -15.10 2.48
N LEU A 317 -0.18 -15.24 3.76
CA LEU A 317 -1.56 -15.17 4.22
C LEU A 317 -2.19 -13.78 4.07
N PHE A 318 -1.36 -12.77 3.92
CA PHE A 318 -1.82 -11.37 3.76
C PHE A 318 -1.67 -10.81 2.35
N GLU A 319 -1.26 -11.64 1.39
CA GLU A 319 -1.11 -11.19 0.02
C GLU A 319 -2.46 -11.08 -0.70
N LYS A 320 -2.47 -10.27 -1.74
CA LYS A 320 -3.65 -10.01 -2.57
C LYS A 320 -3.29 -10.13 -4.03
N ASN A 321 -4.25 -10.63 -4.82
CA ASN A 321 -4.13 -10.71 -6.25
C ASN A 321 -4.46 -9.34 -6.85
N HIS A 322 -4.45 -9.22 -8.18
CA HIS A 322 -4.56 -7.94 -8.85
C HIS A 322 -5.92 -7.27 -8.62
N LEU A 323 -6.93 -8.03 -8.20
CA LEU A 323 -8.24 -7.51 -7.87
C LEU A 323 -8.33 -7.17 -6.40
N GLY A 324 -7.32 -7.54 -5.63
CA GLY A 324 -7.44 -7.39 -4.18
C GLY A 324 -7.96 -8.57 -3.41
N ALA A 325 -8.15 -9.69 -4.09
CA ALA A 325 -8.61 -10.89 -3.41
C ALA A 325 -7.49 -11.50 -2.57
N SER A 326 -7.79 -11.81 -1.33
CA SER A 326 -6.88 -12.30 -0.32
C SER A 326 -7.36 -13.68 0.08
N PRO A 327 -6.51 -14.43 0.80
CA PRO A 327 -6.90 -15.70 1.41
C PRO A 327 -8.22 -15.62 2.16
N ILE A 328 -8.42 -14.58 2.96
CA ILE A 328 -9.64 -14.57 3.73
C ILE A 328 -10.88 -14.26 2.89
N ILE A 329 -10.75 -13.40 1.90
CA ILE A 329 -11.82 -13.19 0.93
C ILE A 329 -12.22 -14.49 0.23
N ILE A 330 -11.23 -15.27 -0.21
CA ILE A 330 -11.55 -16.52 -0.91
C ILE A 330 -12.26 -17.46 0.06
N ALA A 331 -11.72 -17.62 1.26
CA ALA A 331 -12.35 -18.45 2.27
C ALA A 331 -13.79 -18.07 2.58
N ALA A 332 -14.03 -16.77 2.64
CA ALA A 332 -15.35 -16.25 2.92
C ALA A 332 -16.31 -16.49 1.77
N TYR A 333 -15.89 -16.22 0.53
CA TYR A 333 -16.73 -16.45 -0.65
C TYR A 333 -17.13 -17.93 -0.74
N HIS A 334 -16.27 -18.82 -0.28
CA HIS A 334 -16.53 -20.27 -0.34
C HIS A 334 -17.06 -20.87 0.95
N GLY A 335 -17.34 -20.02 1.93
CA GLY A 335 -17.83 -20.46 3.24
C GLY A 335 -16.90 -21.45 3.94
N ASN A 336 -15.60 -21.25 3.76
CA ASN A 336 -14.62 -22.10 4.44
C ASN A 336 -14.39 -21.57 5.85
N MET A 337 -15.27 -21.96 6.76
CA MET A 337 -15.36 -21.34 8.07
C MET A 337 -14.10 -21.58 8.94
N ASP A 338 -13.55 -22.79 8.90
CA ASP A 338 -12.37 -23.06 9.74
C ASP A 338 -11.20 -22.19 9.25
N VAL A 339 -11.12 -21.96 7.94
CA VAL A 339 -10.02 -21.14 7.39
C VAL A 339 -10.20 -19.67 7.74
N ILE A 340 -11.44 -19.20 7.63
CA ILE A 340 -11.69 -17.81 8.05
C ILE A 340 -11.22 -17.62 9.49
N GLU A 341 -11.67 -18.48 10.41
CA GLU A 341 -11.31 -18.31 11.82
C GLU A 341 -9.80 -18.41 12.08
N TRP A 342 -9.18 -19.37 11.39
CA TRP A 342 -7.73 -19.54 11.49
C TRP A 342 -6.94 -18.35 10.98
N LEU A 343 -7.39 -17.78 9.86
CA LEU A 343 -6.75 -16.58 9.36
C LEU A 343 -6.84 -15.42 10.35
N VAL A 344 -8.02 -15.22 10.93
CA VAL A 344 -8.23 -14.20 11.96
C VAL A 344 -7.24 -14.43 13.11
N SER A 345 -7.06 -15.68 13.51
CA SER A 345 -6.17 -15.96 14.64
C SER A 345 -4.71 -15.63 14.30
N LYS A 346 -4.38 -15.57 13.02
CA LYS A 346 -3.04 -15.21 12.59
C LYS A 346 -2.87 -13.73 12.36
N GLY A 347 -3.91 -12.95 12.65
CA GLY A 347 -3.90 -11.52 12.56
C GLY A 347 -4.43 -10.93 11.26
N VAL A 348 -5.01 -11.78 10.42
CA VAL A 348 -5.70 -11.27 9.24
C VAL A 348 -6.97 -10.48 9.61
N ASN A 349 -7.23 -9.43 8.85
CA ASN A 349 -8.37 -8.56 9.12
C ASN A 349 -9.68 -9.22 8.69
N ILE A 350 -10.57 -9.50 9.65
CA ILE A 350 -11.88 -10.09 9.33
C ILE A 350 -12.69 -9.17 8.42
N ASN A 351 -12.41 -7.86 8.43
CA ASN A 351 -13.08 -6.93 7.52
C ASN A 351 -12.23 -6.50 6.34
N ASP A 352 -11.41 -7.41 5.82
CA ASP A 352 -10.58 -7.15 4.65
C ASP A 352 -11.46 -6.79 3.43
N ARG A 353 -10.90 -6.05 2.47
CA ARG A 353 -11.64 -5.63 1.30
C ARG A 353 -10.77 -5.85 0.09
N ASN A 354 -11.39 -6.13 -1.05
CA ASN A 354 -10.66 -6.05 -2.31
C ASN A 354 -10.49 -4.60 -2.76
N TYR A 355 -10.02 -4.46 -3.98
CA TYR A 355 -9.60 -3.15 -4.45
C TYR A 355 -10.74 -2.25 -4.87
N LYS A 356 -11.95 -2.81 -4.96
CA LYS A 356 -13.21 -2.08 -5.11
C LYS A 356 -13.94 -1.81 -3.78
N GLY A 357 -13.33 -2.18 -2.67
CA GLY A 357 -13.89 -1.95 -1.36
C GLY A 357 -14.89 -3.02 -0.91
N THR A 358 -15.07 -4.09 -1.68
CA THR A 358 -15.95 -5.21 -1.32
C THR A 358 -15.33 -5.95 -0.15
N THR A 359 -16.15 -6.20 0.86
CA THR A 359 -15.69 -6.65 2.16
C THR A 359 -15.88 -8.15 2.29
N VAL A 360 -15.18 -8.70 3.29
CA VAL A 360 -15.41 -10.07 3.70
C VAL A 360 -16.89 -10.34 3.95
N ALA A 361 -17.60 -9.48 4.67
CA ALA A 361 -19.03 -9.69 4.87
C ALA A 361 -19.83 -9.87 3.57
N MET A 362 -19.51 -9.10 2.54
CA MET A 362 -20.20 -9.13 1.26
C MET A 362 -19.91 -10.47 0.59
N TYR A 363 -18.66 -10.91 0.63
CA TYR A 363 -18.34 -12.23 0.09
C TYR A 363 -19.02 -13.36 0.85
N PHE A 364 -19.05 -13.26 2.16
CA PHE A 364 -19.73 -14.28 2.99
C PHE A 364 -21.23 -14.35 2.73
N LYS A 365 -21.83 -13.18 2.54
CA LYS A 365 -23.23 -13.07 2.17
C LYS A 365 -23.44 -13.87 0.89
N ASP A 366 -22.56 -13.69 -0.09
CA ASP A 366 -22.69 -14.44 -1.35
C ASP A 366 -22.74 -15.95 -1.08
N TYR A 367 -21.87 -16.43 -0.19
CA TYR A 367 -21.86 -17.83 0.16
C TYR A 367 -23.17 -18.25 0.81
N MET A 368 -23.65 -17.44 1.72
CA MET A 368 -24.91 -17.75 2.39
C MET A 368 -26.03 -17.85 1.36
N LEU A 369 -26.08 -16.87 0.48
CA LEU A 369 -27.12 -16.85 -0.54
C LEU A 369 -27.06 -18.09 -1.44
N ARG A 370 -25.87 -18.39 -1.94
CA ARG A 370 -25.65 -19.51 -2.87
C ARG A 370 -26.00 -20.86 -2.23
N SER A 371 -25.60 -21.03 -0.98
CA SER A 371 -25.63 -22.31 -0.26
C SER A 371 -26.91 -22.48 0.53
N GLY A 372 -27.55 -21.39 0.93
CA GLY A 372 -28.63 -21.48 1.93
C GLY A 372 -28.23 -21.81 3.34
N ASN A 373 -26.92 -21.83 3.56
CA ASN A 373 -26.38 -22.09 4.88
C ASN A 373 -26.09 -20.79 5.58
N TYR A 374 -26.99 -20.42 6.49
CA TYR A 374 -26.84 -19.19 7.27
C TYR A 374 -26.12 -19.39 8.60
N THR A 375 -25.74 -20.62 8.95
CA THR A 375 -25.32 -20.95 10.32
C THR A 375 -24.01 -20.32 10.79
N GLY A 376 -23.15 -19.93 9.84
CA GLY A 376 -21.82 -19.46 10.22
C GLY A 376 -21.72 -17.97 10.56
N LEU A 377 -22.73 -17.18 10.22
CA LEU A 377 -22.62 -15.74 10.41
C LEU A 377 -22.36 -15.30 11.85
N GLU A 378 -23.10 -15.89 12.78
CA GLU A 378 -22.99 -15.47 14.17
C GLU A 378 -21.55 -15.54 14.69
N ASN A 379 -20.88 -16.63 14.35
CA ASN A 379 -19.47 -16.87 14.67
C ASN A 379 -18.58 -15.72 14.16
N LEU A 380 -18.83 -15.31 12.91
CA LEU A 380 -18.04 -14.25 12.33
C LEU A 380 -18.34 -12.89 12.97
N ILE A 381 -19.59 -12.61 13.29
CA ILE A 381 -20.00 -11.39 13.98
C ILE A 381 -19.28 -11.33 15.34
N ASN A 382 -19.19 -12.47 16.01
CA ASN A 382 -18.52 -12.49 17.31
C ASN A 382 -17.02 -12.27 17.20
N LEU A 383 -16.45 -12.56 16.02
CA LEU A 383 -15.03 -12.33 15.72
C LEU A 383 -14.78 -10.95 15.15
N GLY A 384 -15.84 -10.16 15.01
CA GLY A 384 -15.68 -8.77 14.62
C GLY A 384 -16.15 -8.34 13.23
N LEU A 385 -16.79 -9.27 12.54
CA LEU A 385 -17.33 -8.98 11.22
C LEU A 385 -18.25 -7.79 11.25
N ASP A 386 -17.97 -6.82 10.38
CA ASP A 386 -18.72 -5.58 10.30
C ASP A 386 -19.60 -5.56 9.06
N LEU A 387 -20.90 -5.63 9.31
CA LEU A 387 -21.88 -5.58 8.26
C LEU A 387 -22.18 -4.21 7.68
N PHE A 388 -21.63 -3.15 8.25
CA PHE A 388 -22.09 -1.79 7.95
C PHE A 388 -21.13 -0.98 7.11
N LEU A 389 -20.05 -1.62 6.67
CA LEU A 389 -19.10 -1.00 5.77
C LEU A 389 -19.70 -0.79 4.39
N LYS A 390 -19.18 0.22 3.72
CA LYS A 390 -19.59 0.54 2.36
C LYS A 390 -18.39 0.37 1.47
N ASP A 391 -18.71 -0.14 0.29
CA ASP A 391 -17.69 -0.31 -0.77
C ASP A 391 -17.38 0.99 -1.49
N ASN A 392 -16.59 0.92 -2.55
CA ASN A 392 -16.18 2.13 -3.25
C ASN A 392 -17.31 2.83 -3.98
N GLU A 393 -18.42 2.14 -4.25
CA GLU A 393 -19.64 2.73 -4.80
C GLU A 393 -20.55 3.30 -3.73
N GLY A 394 -20.19 3.15 -2.45
CA GLY A 394 -20.91 3.74 -1.32
C GLY A 394 -22.08 2.87 -0.90
N LEU A 395 -22.06 1.59 -1.28
CA LEU A 395 -23.11 0.64 -0.91
C LEU A 395 -22.67 -0.38 0.17
N SER A 396 -23.61 -0.73 1.04
CA SER A 396 -23.42 -1.74 2.05
C SER A 396 -23.96 -3.06 1.55
N VAL A 397 -23.68 -4.13 2.30
CA VAL A 397 -24.27 -5.43 2.01
C VAL A 397 -25.81 -5.38 2.01
N PHE A 398 -26.39 -4.54 2.87
CA PHE A 398 -27.85 -4.38 2.93
C PHE A 398 -28.41 -3.78 1.64
N ASP A 399 -27.69 -2.77 1.13
CA ASP A 399 -28.10 -2.12 -0.13
C ASP A 399 -28.13 -3.13 -1.28
N TYR A 400 -27.11 -4.00 -1.29
CA TYR A 400 -27.15 -5.04 -2.33
C TYR A 400 -28.25 -6.06 -2.18
N MET A 401 -28.51 -6.52 -0.96
CA MET A 401 -29.55 -7.51 -0.73
C MET A 401 -30.91 -6.92 -1.06
N ARG A 402 -31.11 -5.66 -0.75
CA ARG A 402 -32.38 -5.01 -1.10
C ARG A 402 -32.56 -4.92 -2.63
N LYS A 403 -31.52 -4.46 -3.31
CA LYS A 403 -31.54 -4.29 -4.77
C LYS A 403 -31.83 -5.63 -5.46
N ASN A 404 -31.28 -6.72 -4.91
CA ASN A 404 -31.42 -8.07 -5.47
C ASN A 404 -32.62 -8.84 -4.95
N LYS A 405 -33.40 -8.20 -4.10
CA LYS A 405 -34.65 -8.75 -3.56
C LYS A 405 -34.47 -10.02 -2.74
N ASN A 406 -33.33 -10.09 -2.05
CA ASN A 406 -32.97 -11.20 -1.19
C ASN A 406 -33.39 -10.82 0.23
N ILE A 407 -34.71 -10.70 0.41
CA ILE A 407 -35.29 -10.12 1.64
C ILE A 407 -35.14 -11.03 2.84
N GLU A 408 -35.29 -12.34 2.69
CA GLU A 408 -35.11 -13.31 3.77
C GLU A 408 -33.68 -13.26 4.36
N LEU A 409 -32.71 -13.26 3.45
CA LEU A 409 -31.32 -13.12 3.87
C LEU A 409 -31.06 -11.74 4.49
N PHE A 410 -31.58 -10.67 3.89
CA PHE A 410 -31.45 -9.31 4.47
C PHE A 410 -31.90 -9.39 5.93
N ASN A 411 -33.08 -9.98 6.11
CA ASN A 411 -33.72 -9.85 7.42
C ASN A 411 -32.98 -10.70 8.44
N PHE A 412 -32.51 -11.85 8.01
CA PHE A 412 -31.62 -12.69 8.84
C PHE A 412 -30.37 -11.91 9.29
N MET A 413 -29.67 -11.35 8.33
CA MET A 413 -28.48 -10.57 8.66
C MET A 413 -28.77 -9.37 9.56
N SER A 414 -29.98 -8.82 9.49
CA SER A 414 -30.34 -7.61 10.21
C SER A 414 -30.50 -7.86 11.73
N THR A 415 -30.63 -9.12 12.11
CA THR A 415 -30.85 -9.44 13.52
C THR A 415 -29.59 -9.27 14.37
N PHE A 416 -28.42 -9.13 13.76
CA PHE A 416 -27.16 -9.05 14.50
C PHE A 416 -26.81 -7.62 14.86
N ASN A 417 -26.46 -7.35 16.12
CA ASN A 417 -26.14 -5.95 16.44
C ASN A 417 -24.65 -5.70 16.22
#